data_7NCC
#
_entry.id   7NCC
#
_cell.length_a   91.582
_cell.length_b   122.121
_cell.length_c   160.963
_cell.angle_alpha   90.000
_cell.angle_beta   90.000
_cell.angle_gamma   90.000
#
_symmetry.space_group_name_H-M   'C 2 2 21'
#
loop_
_entity.id
_entity.type
_entity.pdbx_description
1 polymer 'Putative class II fructose-1,6-bisphosphate aldolase'
2 non-polymer D-MALATE
3 non-polymer 'PHOSPHATE ION'
4 non-polymer IMIDAZOLE
5 water water
#
_entity_poly.entity_id   1
_entity_poly.type   'polypeptide(L)'
_entity_poly.pdbx_seq_one_letter_code
;MPLVSMKDMLNHGKENGYAVGQFNINNLEFGQAILQAAEEEKSPVIIGVSVGAANYMGGFKLIVDMVKSSMDSYNVTVPV
AIHLDHGPSLEKCVQAIHAGFTSVMIDGSHLPLEENIELTKRVVEIAHSVGVSVEAELGRIGGQEDDVVAESFYAIPSEC
EQLVRETGVDCFAPALGSVHGPYKGEPKLGFDRMEEIMKLTGVPLVLHGGTGIPTKDIQKAISLGTAKINVNTESQIAAT
KAVREVLNNDAKLFDPRKFLAPAREAIKETIKGKMREFGSSGKA
;
_entity_poly.pdbx_strand_id   A,B
#
loop_
_chem_comp.id
_chem_comp.type
_chem_comp.name
_chem_comp.formula
IMD non-polymer IMIDAZOLE 'C3 H5 N2 1'
MLT non-polymer D-MALATE 'C4 H6 O5'
PO4 non-polymer 'PHOSPHATE ION' 'O4 P -3'
#
# COMPACT_ATOMS: atom_id res chain seq x y z
N MET A 1 -12.79 5.85 -17.75
CA MET A 1 -12.97 5.01 -16.57
C MET A 1 -12.56 5.78 -15.32
N PRO A 2 -12.29 7.11 -15.40
CA PRO A 2 -11.52 7.84 -14.39
C PRO A 2 -12.29 8.15 -13.11
N LEU A 3 -11.72 8.96 -12.23
CA LEU A 3 -12.41 9.39 -10.99
C LEU A 3 -13.53 10.36 -11.34
N VAL A 4 -14.52 10.45 -10.46
CA VAL A 4 -15.66 11.41 -10.57
C VAL A 4 -15.88 12.02 -9.18
N SER A 5 -16.51 13.20 -9.18
CA SER A 5 -17.05 13.86 -7.96
C SER A 5 -18.23 13.03 -7.40
N MET A 6 -18.77 13.41 -6.25
CA MET A 6 -19.97 12.75 -5.68
C MET A 6 -21.26 13.36 -6.27
N LYS A 7 -21.17 14.39 -7.09
CA LYS A 7 -22.39 15.11 -7.51
C LYS A 7 -23.38 14.17 -8.19
N ASP A 8 -22.97 13.54 -9.29
CA ASP A 8 -23.89 12.76 -10.14
C ASP A 8 -24.34 11.53 -9.35
N MET A 9 -23.43 10.87 -8.62
CA MET A 9 -23.80 9.58 -7.98
C MET A 9 -24.77 9.83 -6.83
N LEU A 10 -24.67 10.94 -6.06
CA LEU A 10 -25.61 11.18 -4.90
C LEU A 10 -26.96 11.65 -5.43
N ASN A 11 -26.97 12.46 -6.49
CA ASN A 11 -28.24 12.82 -7.15
C ASN A 11 -28.95 11.57 -7.69
N HIS A 12 -28.26 10.70 -8.44
CA HIS A 12 -28.84 9.41 -8.89
C HIS A 12 -29.34 8.63 -7.67
N GLY A 13 -28.61 8.60 -6.57
CA GLY A 13 -29.06 7.90 -5.36
C GLY A 13 -30.32 8.57 -4.80
N LYS A 14 -30.33 9.89 -4.68
CA LYS A 14 -31.49 10.59 -4.07
C LYS A 14 -32.69 10.34 -4.98
N GLU A 15 -32.50 10.39 -6.29
CA GLU A 15 -33.60 10.23 -7.28
C GLU A 15 -34.20 8.81 -7.19
N ASN A 16 -33.46 7.76 -6.85
CA ASN A 16 -33.93 6.36 -7.05
C ASN A 16 -34.07 5.63 -5.72
N GLY A 17 -33.89 6.32 -4.62
CA GLY A 17 -34.10 5.73 -3.29
C GLY A 17 -32.97 4.81 -2.88
N TYR A 18 -31.71 5.14 -3.18
CA TYR A 18 -30.56 4.41 -2.60
C TYR A 18 -29.47 5.36 -2.14
N ALA A 19 -28.55 4.83 -1.34
CA ALA A 19 -27.37 5.50 -0.76
C ALA A 19 -26.08 4.92 -1.34
N VAL A 20 -25.13 5.78 -1.67
CA VAL A 20 -23.73 5.38 -1.92
C VAL A 20 -22.99 5.30 -0.58
N GLY A 21 -22.24 4.22 -0.32
CA GLY A 21 -21.37 4.14 0.86
C GLY A 21 -20.09 4.93 0.71
N GLN A 22 -19.61 5.54 1.79
CA GLN A 22 -18.22 6.03 1.85
C GLN A 22 -17.49 5.09 2.79
N PHE A 23 -16.37 4.53 2.33
CA PHE A 23 -15.56 3.58 3.11
C PHE A 23 -14.18 4.19 3.16
N ASN A 24 -13.66 4.37 4.36
CA ASN A 24 -12.40 5.11 4.52
C ASN A 24 -11.20 4.21 4.24
N ILE A 25 -10.26 4.73 3.44
CA ILE A 25 -8.98 4.03 3.22
C ILE A 25 -8.16 4.16 4.51
N ASN A 26 -8.09 3.09 5.30
CA ASN A 26 -7.35 3.05 6.59
C ASN A 26 -5.84 3.09 6.34
N ASN A 27 -5.40 2.35 5.33
CA ASN A 27 -3.96 2.12 4.97
C ASN A 27 -3.97 1.64 3.52
N LEU A 28 -2.82 1.49 2.88
CA LEU A 28 -2.79 1.26 1.41
C LEU A 28 -3.55 -0.02 1.01
N GLU A 29 -3.46 -1.09 1.83
N GLU A 29 -3.47 -1.10 1.81
CA GLU A 29 -4.07 -2.45 1.61
CA GLU A 29 -4.05 -2.45 1.51
C GLU A 29 -5.59 -2.35 1.43
C GLU A 29 -5.59 -2.38 1.45
N PHE A 30 -6.23 -1.56 2.30
CA PHE A 30 -7.68 -1.30 2.29
C PHE A 30 -8.17 -0.81 0.93
N GLY A 31 -7.39 0.06 0.31
CA GLY A 31 -7.79 0.71 -0.96
C GLY A 31 -8.18 -0.34 -1.98
N GLN A 32 -7.42 -1.44 -2.01
CA GLN A 32 -7.67 -2.45 -3.06
C GLN A 32 -8.99 -3.16 -2.74
N ALA A 33 -9.22 -3.39 -1.44
CA ALA A 33 -10.43 -4.08 -0.95
C ALA A 33 -11.67 -3.25 -1.33
N ILE A 34 -11.58 -1.93 -1.16
CA ILE A 34 -12.77 -1.07 -1.38
C ILE A 34 -13.12 -1.11 -2.87
N LEU A 35 -12.12 -0.97 -3.75
CA LEU A 35 -12.32 -1.03 -5.23
C LEU A 35 -12.83 -2.41 -5.70
N GLN A 36 -12.39 -3.54 -5.16
N GLN A 36 -12.33 -3.48 -5.10
CA GLN A 36 -12.86 -4.82 -5.74
CA GLN A 36 -12.68 -4.87 -5.47
C GLN A 36 -14.25 -5.09 -5.17
C GLN A 36 -14.17 -5.04 -5.15
N ALA A 37 -14.55 -4.67 -3.93
CA ALA A 37 -15.95 -4.70 -3.47
C ALA A 37 -16.86 -3.97 -4.48
N ALA A 38 -16.57 -2.72 -4.76
CA ALA A 38 -17.37 -1.88 -5.67
C ALA A 38 -17.46 -2.53 -7.04
N GLU A 39 -16.31 -2.97 -7.58
CA GLU A 39 -16.30 -3.61 -8.94
C GLU A 39 -17.21 -4.86 -8.95
N GLU A 40 -17.07 -5.74 -7.96
CA GLU A 40 -17.86 -6.97 -7.83
C GLU A 40 -19.37 -6.69 -7.62
N GLU A 41 -19.74 -5.59 -7.00
CA GLU A 41 -21.19 -5.27 -6.71
C GLU A 41 -21.74 -4.36 -7.82
N LYS A 42 -20.91 -4.05 -8.78
CA LYS A 42 -21.29 -3.11 -9.85
C LYS A 42 -21.90 -1.90 -9.15
N SER A 43 -21.20 -1.43 -8.09
CA SER A 43 -21.59 -0.31 -7.23
C SER A 43 -20.76 0.95 -7.48
N PRO A 44 -21.38 2.14 -7.44
CA PRO A 44 -20.58 3.33 -7.22
C PRO A 44 -19.99 3.28 -5.80
N VAL A 45 -18.90 4.00 -5.58
CA VAL A 45 -18.27 3.97 -4.24
C VAL A 45 -17.55 5.30 -3.99
N ILE A 46 -17.45 5.63 -2.72
CA ILE A 46 -16.76 6.87 -2.27
C ILE A 46 -15.62 6.39 -1.41
N ILE A 47 -14.40 6.74 -1.78
CA ILE A 47 -13.25 6.40 -0.93
C ILE A 47 -13.00 7.63 -0.02
N GLY A 48 -13.26 7.46 1.27
CA GLY A 48 -13.04 8.55 2.23
C GLY A 48 -11.57 8.60 2.66
N VAL A 49 -10.98 9.78 2.76
CA VAL A 49 -9.63 9.95 3.35
C VAL A 49 -9.66 10.94 4.49
N SER A 50 -9.18 10.54 5.64
CA SER A 50 -8.95 11.47 6.78
C SER A 50 -7.59 12.10 6.59
N VAL A 51 -7.37 13.25 7.20
CA VAL A 51 -6.03 13.89 7.28
C VAL A 51 -5.08 12.91 7.99
N GLY A 52 -5.52 12.24 9.06
CA GLY A 52 -4.65 11.26 9.78
C GLY A 52 -4.26 10.05 8.94
N ALA A 53 -5.19 9.51 8.14
CA ALA A 53 -4.89 8.38 7.26
C ALA A 53 -3.87 8.85 6.21
N ALA A 54 -4.09 10.03 5.64
CA ALA A 54 -3.18 10.67 4.65
C ALA A 54 -1.79 10.81 5.26
N ASN A 55 -1.65 11.34 6.47
CA ASN A 55 -0.31 11.43 7.14
C ASN A 55 0.31 10.02 7.23
N TYR A 56 -0.44 9.01 7.68
CA TYR A 56 0.07 7.63 7.81
C TYR A 56 0.57 7.11 6.44
N MET A 57 -0.12 7.41 5.32
CA MET A 57 0.19 6.78 4.00
C MET A 57 1.16 7.61 3.18
N GLY A 58 1.52 8.81 3.64
CA GLY A 58 2.47 9.68 2.91
C GLY A 58 1.81 10.73 2.04
N GLY A 59 0.58 11.15 2.32
CA GLY A 59 0.03 12.39 1.73
C GLY A 59 -1.15 12.15 0.80
N PHE A 60 -1.81 13.23 0.39
CA PHE A 60 -3.02 13.18 -0.43
C PHE A 60 -2.67 12.62 -1.82
N LYS A 61 -1.57 13.10 -2.39
CA LYS A 61 -1.19 12.81 -3.79
C LYS A 61 -0.81 11.32 -3.96
N LEU A 62 -0.04 10.77 -3.04
CA LEU A 62 0.29 9.32 -3.04
C LEU A 62 -1.00 8.50 -3.03
N ILE A 63 -2.02 8.88 -2.26
CA ILE A 63 -3.28 8.09 -2.12
C ILE A 63 -4.04 8.15 -3.44
N VAL A 64 -4.11 9.33 -4.06
CA VAL A 64 -4.77 9.47 -5.39
C VAL A 64 -4.02 8.58 -6.41
N ASP A 65 -2.69 8.69 -6.48
CA ASP A 65 -1.90 7.97 -7.50
C ASP A 65 -2.17 6.46 -7.33
N MET A 66 -2.24 6.01 -6.08
CA MET A 66 -2.36 4.59 -5.78
C MET A 66 -3.79 4.13 -6.09
N VAL A 67 -4.82 4.95 -5.85
CA VAL A 67 -6.20 4.56 -6.22
C VAL A 67 -6.24 4.53 -7.74
N LYS A 68 -5.68 5.51 -8.43
CA LYS A 68 -5.72 5.52 -9.91
C LYS A 68 -4.93 4.32 -10.43
N SER A 69 -3.75 4.01 -9.88
CA SER A 69 -2.98 2.81 -10.32
C SER A 69 -3.83 1.58 -10.07
N SER A 70 -4.54 1.50 -8.95
CA SER A 70 -5.29 0.27 -8.60
C SER A 70 -6.48 0.15 -9.57
N MET A 71 -7.14 1.25 -9.88
CA MET A 71 -8.31 1.18 -10.83
C MET A 71 -7.85 0.64 -12.19
N ASP A 72 -6.70 1.10 -12.63
CA ASP A 72 -6.06 0.63 -13.89
C ASP A 72 -5.79 -0.88 -13.82
N SER A 73 -5.07 -1.31 -12.80
CA SER A 73 -4.67 -2.70 -12.55
C SER A 73 -5.88 -3.64 -12.41
N TYR A 74 -6.98 -3.30 -11.77
CA TYR A 74 -8.13 -4.23 -11.55
C TYR A 74 -9.27 -3.96 -12.55
N ASN A 75 -9.04 -3.15 -13.59
CA ASN A 75 -10.08 -2.81 -14.61
C ASN A 75 -11.35 -2.34 -13.94
N VAL A 76 -11.27 -1.34 -13.08
CA VAL A 76 -12.47 -0.83 -12.34
C VAL A 76 -13.27 0.00 -13.32
N THR A 77 -14.51 -0.33 -13.49
CA THR A 77 -15.43 0.44 -14.38
C THR A 77 -16.48 1.23 -13.61
N VAL A 78 -16.65 1.03 -12.31
CA VAL A 78 -17.74 1.69 -11.53
C VAL A 78 -17.32 3.10 -11.16
N PRO A 79 -18.27 4.02 -10.88
CA PRO A 79 -17.93 5.36 -10.39
C PRO A 79 -17.21 5.36 -9.05
N VAL A 80 -16.05 5.99 -9.01
CA VAL A 80 -15.22 6.11 -7.79
C VAL A 80 -14.94 7.59 -7.54
N ALA A 81 -15.20 8.04 -6.31
CA ALA A 81 -14.89 9.40 -5.89
C ALA A 81 -13.88 9.25 -4.78
N ILE A 82 -12.94 10.18 -4.71
CA ILE A 82 -12.00 10.32 -3.57
C ILE A 82 -12.37 11.62 -2.82
N HIS A 83 -12.75 11.46 -1.57
CA HIS A 83 -13.40 12.53 -0.74
C HIS A 83 -12.57 12.75 0.51
N LEU A 84 -12.20 14.01 0.83
CA LEU A 84 -11.54 14.35 2.10
C LEU A 84 -12.60 14.33 3.20
N ASP A 85 -12.50 13.37 4.10
CA ASP A 85 -13.44 13.23 5.23
C ASP A 85 -13.12 14.29 6.30
N HIS A 86 -14.15 14.96 6.78
CA HIS A 86 -14.07 16.02 7.82
C HIS A 86 -12.85 16.93 7.61
N GLY A 87 -12.73 17.52 6.41
CA GLY A 87 -11.61 18.44 6.15
C GLY A 87 -11.70 19.58 7.17
N PRO A 88 -10.65 19.93 8.00
CA PRO A 88 -10.69 20.96 9.04
C PRO A 88 -10.48 22.41 8.59
N SER A 89 -10.09 22.65 7.34
CA SER A 89 -9.63 23.99 6.91
C SER A 89 -9.72 24.15 5.39
N LEU A 90 -9.81 25.40 4.97
CA LEU A 90 -9.68 25.79 3.56
C LEU A 90 -8.37 25.22 3.01
N GLU A 91 -7.28 25.38 3.76
CA GLU A 91 -5.92 24.97 3.33
C GLU A 91 -5.91 23.47 3.04
N LYS A 92 -6.46 22.64 3.92
CA LYS A 92 -6.45 21.16 3.68
C LYS A 92 -7.31 20.79 2.48
N CYS A 93 -8.45 21.42 2.31
CA CYS A 93 -9.30 21.17 1.13
C CYS A 93 -8.52 21.52 -0.14
N VAL A 94 -7.84 22.68 -0.15
CA VAL A 94 -7.12 23.09 -1.38
C VAL A 94 -6.04 22.02 -1.63
N GLN A 95 -5.35 21.61 -0.58
CA GLN A 95 -4.24 20.64 -0.72
C GLN A 95 -4.79 19.33 -1.24
N ALA A 96 -5.97 18.89 -0.76
CA ALA A 96 -6.58 17.62 -1.19
C ALA A 96 -6.99 17.74 -2.66
N ILE A 97 -7.61 18.85 -3.02
CA ILE A 97 -8.01 19.14 -4.42
C ILE A 97 -6.78 19.18 -5.34
N HIS A 98 -5.75 19.92 -4.97
CA HIS A 98 -4.47 19.98 -5.73
C HIS A 98 -3.87 18.56 -5.90
N ALA A 99 -3.97 17.69 -4.92
CA ALA A 99 -3.49 16.29 -5.03
C ALA A 99 -4.37 15.44 -5.97
N GLY A 100 -5.54 15.89 -6.38
CA GLY A 100 -6.43 15.12 -7.28
C GLY A 100 -7.67 14.55 -6.62
N PHE A 101 -8.01 14.93 -5.42
CA PHE A 101 -9.31 14.55 -4.83
C PHE A 101 -10.44 15.08 -5.69
N THR A 102 -11.57 14.38 -5.69
CA THR A 102 -12.73 14.78 -6.53
C THR A 102 -13.84 15.32 -5.63
N SER A 103 -13.61 15.27 -4.32
CA SER A 103 -14.63 15.72 -3.37
C SER A 103 -14.03 16.08 -2.02
N VAL A 104 -14.62 17.10 -1.36
CA VAL A 104 -14.19 17.45 0.02
C VAL A 104 -15.38 17.71 0.92
N MET A 105 -15.19 17.36 2.16
CA MET A 105 -16.10 17.80 3.22
C MET A 105 -15.34 18.86 3.95
N ILE A 106 -15.87 20.06 3.93
CA ILE A 106 -15.36 21.15 4.82
C ILE A 106 -16.23 21.12 6.07
N ASP A 107 -15.66 20.73 7.20
CA ASP A 107 -16.40 20.57 8.48
C ASP A 107 -16.26 21.85 9.29
N GLY A 108 -17.21 22.76 9.11
CA GLY A 108 -17.27 24.03 9.87
C GLY A 108 -18.19 23.91 11.08
N SER A 109 -18.61 22.70 11.47
CA SER A 109 -19.72 22.52 12.43
C SER A 109 -19.34 23.00 13.84
N HIS A 110 -18.04 23.08 14.19
CA HIS A 110 -17.53 23.54 15.51
C HIS A 110 -17.61 25.07 15.58
N LEU A 111 -17.74 25.74 14.43
CA LEU A 111 -17.79 27.22 14.35
C LEU A 111 -19.23 27.70 14.53
N PRO A 112 -19.39 28.97 14.93
CA PRO A 112 -20.65 29.70 14.78
C PRO A 112 -21.23 29.62 13.36
N LEU A 113 -22.55 29.56 13.22
CA LEU A 113 -23.18 29.36 11.90
C LEU A 113 -22.59 30.30 10.83
N GLU A 114 -22.41 31.58 11.13
CA GLU A 114 -21.95 32.57 10.11
C GLU A 114 -20.51 32.22 9.67
N GLU A 115 -19.63 31.86 10.60
CA GLU A 115 -18.21 31.49 10.29
C GLU A 115 -18.20 30.21 9.46
N ASN A 116 -19.04 29.23 9.85
CA ASN A 116 -19.20 27.96 9.09
C ASN A 116 -19.65 28.26 7.64
N ILE A 117 -20.67 29.09 7.46
CA ILE A 117 -21.21 29.46 6.12
C ILE A 117 -20.11 30.14 5.33
N GLU A 118 -19.34 31.04 5.96
CA GLU A 118 -18.30 31.80 5.20
C GLU A 118 -17.22 30.82 4.70
N LEU A 119 -16.65 30.04 5.61
CA LEU A 119 -15.61 29.03 5.33
C LEU A 119 -16.13 28.07 4.24
N THR A 120 -17.32 27.49 4.43
CA THR A 120 -17.93 26.57 3.47
C THR A 120 -18.05 27.24 2.11
N LYS A 121 -18.55 28.46 2.09
CA LYS A 121 -18.80 29.17 0.79
C LYS A 121 -17.46 29.37 0.07
N ARG A 122 -16.38 29.62 0.78
CA ARG A 122 -15.04 29.82 0.17
C ARG A 122 -14.50 28.53 -0.43
N VAL A 123 -14.72 27.40 0.24
CA VAL A 123 -14.34 26.04 -0.26
C VAL A 123 -15.16 25.72 -1.50
N VAL A 124 -16.46 26.01 -1.48
CA VAL A 124 -17.32 25.77 -2.66
C VAL A 124 -16.81 26.57 -3.86
N GLU A 125 -16.42 27.81 -3.66
CA GLU A 125 -15.97 28.71 -4.73
C GLU A 125 -14.77 28.02 -5.39
N ILE A 126 -13.87 27.47 -4.57
CA ILE A 126 -12.64 26.77 -5.07
C ILE A 126 -13.04 25.47 -5.78
N ALA A 127 -13.68 24.58 -5.03
CA ALA A 127 -14.08 23.24 -5.49
C ALA A 127 -14.83 23.32 -6.83
N HIS A 128 -15.79 24.23 -6.97
CA HIS A 128 -16.65 24.28 -8.17
C HIS A 128 -15.90 24.92 -9.33
N SER A 129 -14.68 25.44 -9.15
CA SER A 129 -13.88 25.91 -10.29
C SER A 129 -13.39 24.71 -11.12
N VAL A 130 -13.28 23.53 -10.49
CA VAL A 130 -12.57 22.34 -11.09
C VAL A 130 -13.40 21.07 -10.87
N GLY A 131 -14.73 21.13 -10.88
CA GLY A 131 -15.57 19.91 -10.84
C GLY A 131 -15.47 19.13 -9.54
N VAL A 132 -15.13 19.77 -8.42
CA VAL A 132 -15.06 19.05 -7.12
C VAL A 132 -16.38 19.22 -6.36
N SER A 133 -16.83 18.18 -5.70
CA SER A 133 -18.06 18.18 -4.89
C SER A 133 -17.71 18.56 -3.45
N VAL A 134 -18.66 19.24 -2.80
CA VAL A 134 -18.47 19.66 -1.38
C VAL A 134 -19.63 19.18 -0.53
N GLU A 135 -19.24 18.66 0.62
CA GLU A 135 -20.12 18.29 1.73
C GLU A 135 -19.88 19.31 2.85
N ALA A 136 -20.95 19.74 3.54
CA ALA A 136 -20.83 20.56 4.78
C ALA A 136 -21.61 19.91 5.92
N GLU A 137 -21.36 20.39 7.14
CA GLU A 137 -22.01 19.81 8.34
C GLU A 137 -22.62 20.90 9.26
N LEU A 138 -23.74 20.55 9.86
CA LEU A 138 -24.26 21.28 11.05
C LEU A 138 -24.59 20.29 12.14
N GLY A 139 -24.50 20.76 13.39
CA GLY A 139 -24.54 19.90 14.56
C GLY A 139 -23.31 18.99 14.62
N ARG A 140 -23.30 18.06 15.57
CA ARG A 140 -22.09 17.40 16.07
C ARG A 140 -22.30 15.88 16.14
N ILE A 141 -21.35 15.13 15.60
CA ILE A 141 -21.40 13.65 15.54
C ILE A 141 -20.98 13.16 16.91
N GLY A 142 -21.69 12.18 17.47
CA GLY A 142 -21.32 11.56 18.75
C GLY A 142 -19.90 11.06 18.73
N GLY A 143 -19.13 11.33 19.79
CA GLY A 143 -17.83 10.67 20.01
C GLY A 143 -18.05 9.32 20.65
N GLN A 144 -17.08 8.42 20.57
CA GLN A 144 -17.25 7.09 21.20
C GLN A 144 -17.39 7.26 22.72
N GLU A 145 -16.65 8.18 23.31
CA GLU A 145 -16.67 8.40 24.78
C GLU A 145 -17.82 9.32 25.26
N ASP A 146 -18.79 9.67 24.43
CA ASP A 146 -19.81 10.67 24.84
C ASP A 146 -21.12 10.07 25.40
N ASP A 147 -21.29 8.73 25.43
CA ASP A 147 -22.55 8.04 25.84
C ASP A 147 -23.71 8.43 24.90
N VAL A 148 -24.85 8.91 25.41
CA VAL A 148 -26.01 9.33 24.56
C VAL A 148 -25.75 10.74 24.02
N VAL A 149 -26.35 11.10 22.87
CA VAL A 149 -26.04 12.39 22.17
C VAL A 149 -26.86 13.54 22.78
N ALA A 150 -26.21 14.58 23.28
CA ALA A 150 -26.86 15.80 23.82
C ALA A 150 -27.77 16.39 22.74
N GLU A 151 -28.96 16.85 23.13
CA GLU A 151 -30.01 17.34 22.19
C GLU A 151 -29.45 18.57 21.47
N SER A 152 -28.52 19.26 22.13
CA SER A 152 -27.85 20.50 21.66
C SER A 152 -26.87 20.22 20.52
N PHE A 153 -26.56 18.95 20.22
CA PHE A 153 -25.60 18.59 19.13
C PHE A 153 -26.38 18.33 17.83
N TYR A 154 -27.70 18.24 17.91
CA TYR A 154 -28.56 18.00 16.74
C TYR A 154 -28.57 19.26 15.90
N ALA A 155 -28.46 19.09 14.58
CA ALA A 155 -28.59 20.19 13.59
C ALA A 155 -29.95 20.85 13.77
N ILE A 156 -29.99 22.18 13.61
CA ILE A 156 -31.32 22.86 13.60
C ILE A 156 -31.69 23.14 12.13
N PRO A 157 -32.86 22.59 11.71
CA PRO A 157 -33.26 22.61 10.31
C PRO A 157 -33.24 23.97 9.63
N SER A 158 -33.58 25.04 10.34
CA SER A 158 -33.60 26.42 9.76
C SER A 158 -32.17 26.91 9.46
N GLU A 159 -31.19 26.59 10.32
CA GLU A 159 -29.74 26.76 10.07
C GLU A 159 -29.32 25.93 8.84
N CYS A 160 -29.83 24.72 8.68
CA CYS A 160 -29.47 23.87 7.53
C CYS A 160 -29.96 24.54 6.25
N GLU A 161 -31.19 25.05 6.28
CA GLU A 161 -31.84 25.79 5.15
C GLU A 161 -30.91 26.92 4.74
N GLN A 162 -30.43 27.71 5.70
CA GLN A 162 -29.62 28.92 5.42
C GLN A 162 -28.25 28.49 4.87
N LEU A 163 -27.56 27.58 5.57
CA LEU A 163 -26.20 27.14 5.20
C LEU A 163 -26.21 26.63 3.75
N VAL A 164 -27.14 25.77 3.38
CA VAL A 164 -27.12 25.15 2.03
C VAL A 164 -27.49 26.20 0.96
N ARG A 165 -28.50 27.01 1.21
CA ARG A 165 -28.84 28.13 0.30
C ARG A 165 -27.62 29.04 0.13
N GLU A 166 -26.97 29.45 1.23
CA GLU A 166 -25.95 30.53 1.13
C GLU A 166 -24.63 29.95 0.54
N THR A 167 -24.34 28.67 0.70
CA THR A 167 -23.00 28.14 0.31
C THR A 167 -22.98 27.54 -1.09
N GLY A 168 -24.08 26.97 -1.58
CA GLY A 168 -24.13 26.19 -2.84
C GLY A 168 -23.56 24.80 -2.67
N VAL A 169 -23.37 24.27 -1.44
CA VAL A 169 -22.85 22.88 -1.25
C VAL A 169 -23.68 21.85 -2.04
N ASP A 170 -23.01 20.78 -2.50
CA ASP A 170 -23.64 19.71 -3.32
C ASP A 170 -24.38 18.73 -2.41
N CYS A 171 -23.90 18.56 -1.17
CA CYS A 171 -24.55 17.60 -0.24
C CYS A 171 -24.28 17.98 1.21
N PHE A 172 -25.13 17.51 2.09
CA PHE A 172 -25.19 18.13 3.43
C PHE A 172 -25.32 17.08 4.50
N ALA A 173 -24.48 17.22 5.51
CA ALA A 173 -24.46 16.26 6.64
C ALA A 173 -25.09 16.89 7.87
N PRO A 174 -26.43 16.74 8.12
CA PRO A 174 -27.01 17.17 9.41
C PRO A 174 -26.72 16.07 10.44
N ALA A 175 -26.08 16.44 11.55
CA ALA A 175 -25.86 15.54 12.69
C ALA A 175 -27.18 15.38 13.45
N LEU A 176 -27.84 14.22 13.33
CA LEU A 176 -29.17 13.95 13.95
C LEU A 176 -29.11 12.70 14.81
N GLY A 177 -28.08 12.57 15.65
CA GLY A 177 -28.00 11.47 16.62
C GLY A 177 -26.93 10.46 16.27
N SER A 178 -26.34 10.52 15.07
CA SER A 178 -25.17 9.69 14.63
C SER A 178 -24.11 9.69 15.72
N VAL A 179 -23.38 8.58 15.85
CA VAL A 179 -22.16 8.45 16.69
C VAL A 179 -21.04 7.77 15.88
N HIS A 180 -19.76 8.11 16.16
CA HIS A 180 -18.54 7.38 15.74
C HIS A 180 -18.28 6.20 16.68
N GLY A 181 -18.19 4.98 16.14
CA GLY A 181 -18.01 3.74 16.93
C GLY A 181 -19.36 3.21 17.47
N PRO A 182 -19.38 2.08 18.30
CA PRO A 182 -20.51 1.22 18.80
C PRO A 182 -21.63 2.11 19.37
N TYR A 183 -22.87 1.92 18.93
CA TYR A 183 -23.98 2.71 19.51
C TYR A 183 -24.22 2.13 20.91
N LYS A 184 -24.33 3.00 21.91
CA LYS A 184 -24.50 2.56 23.32
C LYS A 184 -25.77 1.72 23.46
N GLY A 185 -26.88 2.19 22.92
CA GLY A 185 -28.10 1.37 22.96
C GLY A 185 -28.74 1.36 21.60
N GLU A 186 -29.94 1.88 21.52
CA GLU A 186 -30.65 2.14 20.26
C GLU A 186 -30.09 3.43 19.69
N PRO A 187 -30.02 3.61 18.36
CA PRO A 187 -29.59 4.87 17.76
C PRO A 187 -30.78 5.81 17.85
N LYS A 188 -30.59 7.01 18.36
CA LYS A 188 -31.70 7.99 18.51
C LYS A 188 -31.63 8.96 17.32
N LEU A 189 -32.04 8.55 16.12
CA LEU A 189 -31.93 9.44 14.92
C LEU A 189 -33.15 10.37 14.83
N GLY A 190 -32.93 11.66 14.64
CA GLY A 190 -34.01 12.64 14.44
C GLY A 190 -34.57 12.56 13.04
N PHE A 191 -35.39 11.55 12.75
CA PHE A 191 -35.98 11.38 11.40
C PHE A 191 -36.90 12.57 11.08
N ASP A 192 -37.64 13.13 12.04
CA ASP A 192 -38.56 14.25 11.70
C ASP A 192 -37.69 15.43 11.25
N ARG A 193 -36.63 15.73 11.99
CA ARG A 193 -35.70 16.79 11.53
C ARG A 193 -35.09 16.42 10.18
N MET A 194 -34.71 15.15 9.98
CA MET A 194 -34.07 14.72 8.69
C MET A 194 -35.02 15.06 7.53
N GLU A 195 -36.30 14.74 7.70
CA GLU A 195 -37.33 14.95 6.65
C GLU A 195 -37.43 16.45 6.32
N GLU A 196 -37.41 17.27 7.38
CA GLU A 196 -37.51 18.74 7.28
C GLU A 196 -36.28 19.23 6.51
N ILE A 197 -35.11 18.84 6.99
CA ILE A 197 -33.82 19.27 6.39
C ILE A 197 -33.79 18.85 4.94
N MET A 198 -34.28 17.64 4.65
CA MET A 198 -34.41 17.18 3.24
C MET A 198 -35.25 18.20 2.48
N LYS A 199 -36.42 18.54 3.03
CA LYS A 199 -37.45 19.34 2.33
C LYS A 199 -36.88 20.75 2.12
N LEU A 200 -36.34 21.37 3.19
CA LEU A 200 -35.78 22.75 3.21
C LEU A 200 -34.53 22.88 2.31
N THR A 201 -33.66 21.86 2.25
CA THR A 201 -32.34 22.01 1.57
C THR A 201 -32.45 21.61 0.09
N GLY A 202 -33.19 20.54 -0.25
CA GLY A 202 -33.32 20.07 -1.65
C GLY A 202 -32.03 19.41 -2.15
N VAL A 203 -31.05 19.13 -1.28
CA VAL A 203 -29.80 18.42 -1.68
C VAL A 203 -29.76 17.06 -1.02
N PRO A 204 -28.95 16.14 -1.60
CA PRO A 204 -28.69 14.85 -0.98
C PRO A 204 -28.11 14.97 0.43
N LEU A 205 -28.60 14.13 1.34
CA LEU A 205 -28.09 14.18 2.73
C LEU A 205 -27.12 13.05 2.94
N VAL A 206 -26.33 13.22 3.97
CA VAL A 206 -25.20 12.38 4.37
C VAL A 206 -25.41 11.93 5.81
N LEU A 207 -25.32 10.61 6.03
CA LEU A 207 -25.41 10.01 7.38
C LEU A 207 -24.03 9.58 7.83
N HIS A 208 -23.47 10.26 8.83
CA HIS A 208 -22.25 9.86 9.55
C HIS A 208 -22.54 8.72 10.55
N GLY A 209 -21.48 8.01 10.99
CA GLY A 209 -21.50 6.91 11.98
C GLY A 209 -22.42 5.76 11.57
N GLY A 210 -22.31 5.29 10.32
CA GLY A 210 -23.14 4.22 9.73
C GLY A 210 -22.89 2.84 10.37
N THR A 211 -21.74 2.68 11.03
CA THR A 211 -21.40 1.44 11.78
C THR A 211 -22.43 1.19 12.91
N GLY A 212 -23.20 0.10 12.79
CA GLY A 212 -24.19 -0.37 13.77
C GLY A 212 -25.60 0.18 13.54
N ILE A 213 -25.87 0.95 12.49
CA ILE A 213 -27.28 1.37 12.19
C ILE A 213 -27.98 0.22 11.47
N PRO A 214 -29.11 -0.29 12.05
CA PRO A 214 -29.80 -1.45 11.49
C PRO A 214 -30.55 -1.18 10.19
N THR A 215 -30.88 -2.22 9.40
CA THR A 215 -31.44 -2.03 8.03
C THR A 215 -32.70 -1.15 8.08
N LYS A 216 -33.50 -1.29 9.14
CA LYS A 216 -34.68 -0.44 9.38
C LYS A 216 -34.29 1.03 9.36
N ASP A 217 -33.32 1.50 10.19
CA ASP A 217 -32.88 2.94 10.24
C ASP A 217 -32.31 3.40 8.89
N ILE A 218 -31.43 2.59 8.31
CA ILE A 218 -30.73 2.87 7.03
C ILE A 218 -31.85 3.14 6.01
N GLN A 219 -32.82 2.21 5.95
CA GLN A 219 -33.90 2.21 4.90
C GLN A 219 -34.74 3.46 5.13
N LYS A 220 -34.88 3.91 6.40
CA LYS A 220 -35.70 5.09 6.80
C LYS A 220 -34.94 6.38 6.43
N ALA A 221 -33.70 6.53 6.91
CA ALA A 221 -32.75 7.56 6.44
C ALA A 221 -32.77 7.67 4.92
N ILE A 222 -32.68 6.58 4.17
CA ILE A 222 -32.68 6.70 2.68
C ILE A 222 -34.01 7.29 2.18
N SER A 223 -35.14 6.85 2.77
CA SER A 223 -36.50 7.30 2.36
C SER A 223 -36.63 8.81 2.58
N LEU A 224 -35.92 9.34 3.58
CA LEU A 224 -35.95 10.76 4.02
C LEU A 224 -34.79 11.54 3.39
N GLY A 225 -34.22 11.04 2.29
CA GLY A 225 -33.25 11.78 1.45
C GLY A 225 -31.77 11.52 1.76
N THR A 226 -31.43 10.61 2.66
CA THR A 226 -30.01 10.15 2.79
C THR A 226 -29.56 9.39 1.51
N ALA A 227 -28.50 9.91 0.87
CA ALA A 227 -27.93 9.31 -0.36
C ALA A 227 -26.45 8.95 -0.15
N LYS A 228 -25.89 9.20 1.03
CA LYS A 228 -24.46 8.95 1.31
C LYS A 228 -24.38 8.52 2.76
N ILE A 229 -23.81 7.35 3.05
CA ILE A 229 -23.66 6.82 4.43
C ILE A 229 -22.20 6.42 4.64
N ASN A 230 -21.59 6.91 5.71
CA ASN A 230 -20.15 6.75 5.99
C ASN A 230 -20.02 5.52 6.88
N VAL A 231 -19.30 4.51 6.43
CA VAL A 231 -19.07 3.28 7.25
C VAL A 231 -17.57 3.14 7.35
N ASN A 232 -16.99 3.32 8.52
CA ASN A 232 -15.53 3.27 8.72
C ASN A 232 -15.13 2.08 9.61
N THR A 233 -15.41 2.12 10.92
CA THR A 233 -14.88 1.20 11.97
C THR A 233 -15.36 -0.23 11.71
N GLU A 234 -16.52 -0.44 11.09
CA GLU A 234 -16.97 -1.83 10.79
C GLU A 234 -15.88 -2.57 10.01
N SER A 235 -15.27 -1.90 9.03
CA SER A 235 -14.20 -2.42 8.16
C SER A 235 -12.92 -2.65 8.95
N GLN A 236 -12.53 -1.67 9.75
CA GLN A 236 -11.31 -1.77 10.62
C GLN A 236 -11.40 -3.02 11.50
N ILE A 237 -12.57 -3.20 12.13
CA ILE A 237 -12.87 -4.34 13.04
C ILE A 237 -12.79 -5.65 12.25
N ALA A 238 -13.34 -5.72 11.04
CA ALA A 238 -13.41 -7.01 10.28
C ALA A 238 -11.98 -7.39 9.86
N ALA A 239 -11.14 -6.38 9.63
CA ALA A 239 -9.74 -6.54 9.20
C ALA A 239 -8.94 -7.10 10.36
N THR A 240 -9.00 -6.45 11.50
CA THR A 240 -8.19 -6.85 12.68
C THR A 240 -8.60 -8.22 13.22
N LYS A 241 -9.90 -8.55 13.23
CA LYS A 241 -10.43 -9.89 13.64
C LYS A 241 -9.79 -10.96 12.75
N ALA A 242 -9.68 -10.71 11.44
CA ALA A 242 -9.20 -11.71 10.45
C ALA A 242 -7.71 -11.92 10.72
N VAL A 243 -6.99 -10.86 11.06
CA VAL A 243 -5.53 -10.96 11.33
C VAL A 243 -5.36 -11.76 12.62
N ARG A 244 -5.98 -11.34 13.71
CA ARG A 244 -5.88 -12.03 15.03
C ARG A 244 -6.11 -13.54 14.87
N GLU A 245 -7.11 -13.89 14.06
CA GLU A 245 -7.60 -15.28 13.91
C GLU A 245 -6.52 -16.09 13.21
N VAL A 246 -5.90 -15.62 12.12
CA VAL A 246 -4.89 -16.43 11.39
C VAL A 246 -3.63 -16.50 12.22
N LEU A 247 -3.25 -15.43 12.91
CA LEU A 247 -2.07 -15.50 13.81
C LEU A 247 -2.35 -16.54 14.91
N ASN A 248 -3.56 -16.59 15.49
CA ASN A 248 -3.86 -17.46 16.66
C ASN A 248 -3.90 -18.92 16.24
N ASN A 249 -4.33 -19.21 15.00
CA ASN A 249 -4.41 -20.58 14.44
C ASN A 249 -3.07 -21.09 13.92
N ASP A 250 -2.05 -20.28 13.71
CA ASP A 250 -0.82 -20.79 13.01
C ASP A 250 0.40 -20.01 13.50
N ALA A 251 1.11 -20.59 14.46
CA ALA A 251 2.19 -19.94 15.22
C ALA A 251 3.42 -19.80 14.33
N LYS A 252 3.53 -20.58 13.25
CA LYS A 252 4.75 -20.59 12.37
C LYS A 252 4.65 -19.47 11.33
N LEU A 253 3.43 -19.01 10.99
CA LEU A 253 3.19 -17.96 9.96
C LEU A 253 4.17 -16.80 10.18
N PHE A 254 4.95 -16.42 9.18
CA PHE A 254 5.91 -15.28 9.23
C PHE A 254 5.84 -14.35 7.99
N ASP A 255 5.15 -14.73 6.91
CA ASP A 255 4.98 -13.90 5.70
C ASP A 255 3.77 -13.01 5.90
N PRO A 256 3.95 -11.69 6.00
CA PRO A 256 2.80 -10.83 6.24
C PRO A 256 1.68 -11.07 5.23
N ARG A 257 1.99 -11.41 4.00
CA ARG A 257 0.87 -11.59 3.04
C ARG A 257 -0.12 -12.65 3.53
N LYS A 258 0.27 -13.53 4.43
CA LYS A 258 -0.59 -14.68 4.83
C LYS A 258 -1.59 -14.21 5.88
N PHE A 259 -1.38 -13.05 6.51
CA PHE A 259 -2.36 -12.40 7.41
C PHE A 259 -3.04 -11.21 6.72
N LEU A 260 -2.36 -10.51 5.83
CA LEU A 260 -3.00 -9.43 5.03
C LEU A 260 -4.07 -10.01 4.09
N ALA A 261 -3.96 -11.23 3.55
CA ALA A 261 -4.91 -11.67 2.51
C ALA A 261 -6.26 -11.97 3.15
N PRO A 262 -6.30 -12.62 4.32
CA PRO A 262 -7.55 -12.78 5.04
C PRO A 262 -8.14 -11.42 5.49
N ALA A 263 -7.31 -10.49 5.98
CA ALA A 263 -7.76 -9.12 6.30
C ALA A 263 -8.52 -8.53 5.11
N ARG A 264 -7.99 -8.67 3.90
CA ARG A 264 -8.54 -8.03 2.68
C ARG A 264 -9.91 -8.64 2.36
N GLU A 265 -9.97 -9.98 2.40
CA GLU A 265 -11.22 -10.74 2.13
C GLU A 265 -12.34 -10.30 3.10
N ALA A 266 -12.04 -10.06 4.39
CA ALA A 266 -13.01 -9.62 5.43
C ALA A 266 -13.51 -8.20 5.11
N ILE A 267 -12.56 -7.26 4.94
CA ILE A 267 -12.93 -5.89 4.55
C ILE A 267 -13.86 -5.97 3.34
N LYS A 268 -13.50 -6.75 2.34
CA LYS A 268 -14.25 -6.73 1.06
C LYS A 268 -15.69 -7.20 1.29
N GLU A 269 -15.86 -8.24 2.13
CA GLU A 269 -17.19 -8.84 2.41
C GLU A 269 -18.02 -7.84 3.23
N THR A 270 -17.45 -7.21 4.25
CA THR A 270 -18.13 -6.15 5.03
C THR A 270 -18.70 -5.10 4.07
N ILE A 271 -17.87 -4.64 3.12
CA ILE A 271 -18.24 -3.51 2.25
C ILE A 271 -19.29 -3.94 1.26
N LYS A 272 -19.14 -5.12 0.68
CA LYS A 272 -20.16 -5.63 -0.26
C LYS A 272 -21.52 -5.71 0.45
N GLY A 273 -21.54 -6.13 1.72
CA GLY A 273 -22.76 -6.24 2.54
C GLY A 273 -23.47 -4.91 2.61
N LYS A 274 -22.75 -3.86 2.99
CA LYS A 274 -23.25 -2.46 3.05
C LYS A 274 -23.69 -1.96 1.68
N MET A 275 -22.95 -2.26 0.63
CA MET A 275 -23.36 -1.81 -0.72
C MET A 275 -24.73 -2.45 -1.04
N ARG A 276 -24.91 -3.71 -0.60
CA ARG A 276 -26.21 -4.42 -0.76
C ARG A 276 -27.26 -3.79 0.18
N GLU A 277 -26.95 -3.54 1.44
CA GLU A 277 -27.94 -2.91 2.35
C GLU A 277 -28.33 -1.51 1.83
N PHE A 278 -27.40 -0.75 1.25
CA PHE A 278 -27.63 0.68 0.89
C PHE A 278 -28.35 0.75 -0.47
N GLY A 279 -28.30 -0.33 -1.24
CA GLY A 279 -28.95 -0.44 -2.56
C GLY A 279 -28.10 0.12 -3.68
N SER A 280 -26.80 0.33 -3.42
CA SER A 280 -25.81 0.79 -4.44
C SER A 280 -25.45 -0.37 -5.37
N SER A 281 -25.52 -1.62 -4.88
CA SER A 281 -25.24 -2.80 -5.74
C SER A 281 -26.05 -2.72 -7.02
N GLY A 282 -25.38 -2.95 -8.15
CA GLY A 282 -26.03 -3.00 -9.46
C GLY A 282 -26.35 -1.62 -9.98
N LYS A 283 -25.89 -0.56 -9.35
CA LYS A 283 -26.31 0.80 -9.81
C LYS A 283 -25.24 1.39 -10.70
N ALA A 284 -24.01 0.86 -10.65
CA ALA A 284 -22.86 1.44 -11.38
C ALA A 284 -23.11 1.50 -12.89
N MET B 1 14.39 12.97 -7.47
CA MET B 1 15.46 11.91 -7.61
C MET B 1 14.94 10.75 -8.48
N PRO B 2 15.53 10.45 -9.64
CA PRO B 2 15.02 9.33 -10.43
C PRO B 2 15.45 8.00 -9.78
N LEU B 3 14.79 6.94 -10.23
CA LEU B 3 15.27 5.58 -9.94
C LEU B 3 16.60 5.46 -10.69
N VAL B 4 17.45 4.54 -10.29
CA VAL B 4 18.69 4.19 -11.04
C VAL B 4 18.75 2.66 -11.15
N SER B 5 19.49 2.19 -12.15
CA SER B 5 19.91 0.77 -12.34
C SER B 5 20.86 0.37 -11.22
N MET B 6 21.25 -0.92 -11.17
CA MET B 6 22.17 -1.39 -10.12
C MET B 6 23.63 -1.17 -10.55
N LYS B 7 23.85 -0.65 -11.76
CA LYS B 7 25.20 -0.70 -12.36
C LYS B 7 26.16 0.10 -11.50
N ASP B 8 25.90 1.39 -11.32
CA ASP B 8 26.85 2.27 -10.58
C ASP B 8 26.93 1.80 -9.13
N MET B 9 25.80 1.57 -8.47
CA MET B 9 25.87 1.30 -7.01
C MET B 9 26.67 0.01 -6.78
N LEU B 10 26.57 -1.03 -7.62
CA LEU B 10 27.27 -2.33 -7.34
C LEU B 10 28.76 -2.21 -7.65
N ASN B 11 29.10 -1.44 -8.69
CA ASN B 11 30.51 -1.08 -9.00
C ASN B 11 31.14 -0.33 -7.82
N HIS B 12 30.51 0.73 -7.32
CA HIS B 12 31.04 1.49 -6.16
C HIS B 12 31.24 0.48 -5.02
N GLY B 13 30.30 -0.41 -4.80
CA GLY B 13 30.42 -1.43 -3.72
C GLY B 13 31.66 -2.29 -3.92
N LYS B 14 31.86 -2.77 -5.13
CA LYS B 14 32.91 -3.78 -5.40
C LYS B 14 34.25 -3.09 -5.19
N GLU B 15 34.33 -1.85 -5.67
CA GLU B 15 35.57 -1.06 -5.67
C GLU B 15 35.94 -0.65 -4.24
N ASN B 16 35.02 -0.58 -3.27
CA ASN B 16 35.30 -0.02 -1.91
C ASN B 16 35.03 -1.04 -0.81
N GLY B 17 34.68 -2.25 -1.18
CA GLY B 17 34.65 -3.38 -0.24
C GLY B 17 33.39 -3.33 0.56
N TYR B 18 32.27 -2.99 -0.06
CA TYR B 18 30.95 -3.06 0.62
C TYR B 18 29.92 -3.64 -0.34
N ALA B 19 28.80 -4.04 0.24
CA ALA B 19 27.68 -4.59 -0.55
C ALA B 19 26.44 -3.70 -0.36
N VAL B 20 25.62 -3.66 -1.38
CA VAL B 20 24.27 -3.08 -1.32
C VAL B 20 23.24 -4.17 -1.05
N GLY B 21 22.34 -3.87 -0.16
CA GLY B 21 21.35 -4.85 0.24
C GLY B 21 20.22 -4.74 -0.75
N GLN B 22 19.64 -5.89 -1.06
CA GLN B 22 18.30 -5.99 -1.69
C GLN B 22 17.30 -6.49 -0.63
N PHE B 23 16.26 -5.67 -0.46
CA PHE B 23 15.15 -5.95 0.47
C PHE B 23 13.93 -6.06 -0.45
N ASN B 24 13.23 -7.16 -0.30
CA ASN B 24 12.09 -7.44 -1.18
C ASN B 24 10.85 -6.77 -0.59
N ILE B 25 10.12 -6.07 -1.43
CA ILE B 25 8.83 -5.48 -1.02
C ILE B 25 7.77 -6.57 -0.97
N ASN B 26 7.44 -6.99 0.24
CA ASN B 26 6.44 -8.05 0.53
C ASN B 26 5.01 -7.60 0.21
N ASN B 27 4.66 -6.36 0.53
CA ASN B 27 3.32 -5.76 0.32
C ASN B 27 3.50 -4.23 0.30
N LEU B 28 2.48 -3.45 -0.02
CA LEU B 28 2.64 -2.00 -0.26
C LEU B 28 3.36 -1.28 0.90
N GLU B 29 3.11 -1.56 2.17
CA GLU B 29 3.78 -0.66 3.16
C GLU B 29 5.14 -1.17 3.57
N PHE B 30 5.60 -2.30 3.06
CA PHE B 30 7.02 -2.68 3.21
C PHE B 30 7.88 -1.64 2.51
N GLY B 31 7.38 -1.14 1.37
CA GLY B 31 8.10 -0.18 0.52
C GLY B 31 8.50 1.08 1.27
N GLN B 32 7.54 1.69 1.98
CA GLN B 32 7.79 2.85 2.86
C GLN B 32 9.03 2.57 3.71
N ALA B 33 9.02 1.39 4.36
CA ALA B 33 9.95 1.05 5.46
C ALA B 33 11.31 0.84 4.83
N ILE B 34 11.33 0.20 3.69
CA ILE B 34 12.62 0.06 2.94
C ILE B 34 13.10 1.47 2.57
N LEU B 35 12.27 2.34 2.02
CA LEU B 35 12.86 3.65 1.58
C LEU B 35 13.29 4.47 2.79
N GLN B 36 12.56 4.43 3.90
CA GLN B 36 12.91 5.20 5.12
C GLN B 36 14.22 4.64 5.68
N ALA B 37 14.39 3.32 5.63
CA ALA B 37 15.63 2.67 6.14
C ALA B 37 16.81 3.22 5.36
N ALA B 38 16.73 3.26 4.03
CA ALA B 38 17.82 3.75 3.14
C ALA B 38 18.15 5.20 3.42
N GLU B 39 17.09 6.04 3.54
CA GLU B 39 17.27 7.50 3.65
C GLU B 39 17.93 7.79 4.99
N GLU B 40 17.43 7.18 6.04
CA GLU B 40 17.99 7.42 7.39
C GLU B 40 19.43 6.92 7.43
N GLU B 41 19.79 5.81 6.78
CA GLU B 41 21.18 5.30 6.82
C GLU B 41 22.03 5.99 5.76
N LYS B 42 21.50 6.93 4.97
CA LYS B 42 22.25 7.54 3.83
C LYS B 42 22.89 6.42 2.99
N SER B 43 22.11 5.40 2.61
CA SER B 43 22.60 4.15 1.96
C SER B 43 21.91 3.98 0.61
N PRO B 44 22.60 3.48 -0.44
CA PRO B 44 21.84 3.00 -1.57
C PRO B 44 21.03 1.79 -1.16
N VAL B 45 20.09 1.48 -2.00
CA VAL B 45 19.23 0.29 -1.73
C VAL B 45 18.58 -0.22 -3.03
N ILE B 46 18.35 -1.51 -3.01
CA ILE B 46 17.68 -2.22 -4.11
C ILE B 46 16.39 -2.78 -3.54
N ILE B 47 15.29 -2.43 -4.18
CA ILE B 47 13.98 -2.98 -3.81
C ILE B 47 13.76 -4.15 -4.77
N GLY B 48 13.82 -5.33 -4.20
CA GLY B 48 13.55 -6.58 -4.93
C GLY B 48 12.06 -6.75 -5.07
N VAL B 49 11.58 -7.24 -6.19
CA VAL B 49 10.17 -7.59 -6.41
C VAL B 49 10.10 -8.98 -7.05
N SER B 50 9.44 -9.93 -6.43
CA SER B 50 9.05 -11.20 -7.05
C SER B 50 7.80 -11.05 -7.93
N VAL B 51 7.64 -11.99 -8.82
CA VAL B 51 6.39 -12.13 -9.61
C VAL B 51 5.22 -12.36 -8.64
N GLY B 52 5.41 -13.17 -7.58
CA GLY B 52 4.37 -13.45 -6.57
C GLY B 52 3.95 -12.19 -5.83
N ALA B 53 4.92 -11.36 -5.46
CA ALA B 53 4.67 -10.08 -4.77
C ALA B 53 3.92 -9.13 -5.72
N ALA B 54 4.36 -8.96 -6.96
CA ALA B 54 3.66 -8.16 -7.96
C ALA B 54 2.22 -8.71 -8.10
N ASN B 55 2.01 -10.01 -8.21
CA ASN B 55 0.62 -10.52 -8.29
C ASN B 55 -0.18 -10.06 -7.06
N TYR B 56 0.38 -10.14 -5.86
CA TYR B 56 -0.35 -9.75 -4.63
C TYR B 56 -0.69 -8.24 -4.62
N MET B 57 0.23 -7.39 -5.07
CA MET B 57 0.11 -5.92 -4.95
C MET B 57 -0.60 -5.28 -6.15
N GLY B 58 -0.92 -6.02 -7.21
CA GLY B 58 -1.61 -5.47 -8.40
C GLY B 58 -0.66 -5.08 -9.53
N GLY B 59 0.55 -5.65 -9.61
CA GLY B 59 1.37 -5.66 -10.84
C GLY B 59 2.60 -4.75 -10.76
N PHE B 60 3.48 -4.89 -11.75
CA PHE B 60 4.80 -4.19 -11.76
C PHE B 60 4.58 -2.67 -11.81
N LYS B 61 3.71 -2.21 -12.68
CA LYS B 61 3.53 -0.75 -12.88
C LYS B 61 3.03 -0.10 -11.56
N LEU B 62 2.06 -0.71 -10.90
CA LEU B 62 1.53 -0.16 -9.62
C LEU B 62 2.67 -0.07 -8.59
N ILE B 63 3.56 -1.06 -8.52
CA ILE B 63 4.68 -1.05 -7.55
C ILE B 63 5.66 0.07 -7.86
N VAL B 64 6.00 0.24 -9.14
CA VAL B 64 6.94 1.32 -9.54
C VAL B 64 6.30 2.68 -9.17
N ASP B 65 5.01 2.85 -9.49
CA ASP B 65 4.28 4.12 -9.24
C ASP B 65 4.35 4.47 -7.77
N MET B 66 4.10 3.48 -6.94
CA MET B 66 4.04 3.62 -5.49
C MET B 66 5.44 3.91 -4.95
N VAL B 67 6.48 3.27 -5.45
CA VAL B 67 7.85 3.57 -5.00
C VAL B 67 8.20 5.02 -5.36
N LYS B 68 7.97 5.45 -6.60
CA LYS B 68 8.24 6.85 -7.02
C LYS B 68 7.43 7.85 -6.17
N SER B 69 6.15 7.55 -5.92
CA SER B 69 5.26 8.45 -5.13
C SER B 69 5.85 8.54 -3.74
N SER B 70 6.32 7.44 -3.17
CA SER B 70 6.84 7.41 -1.80
C SER B 70 8.16 8.17 -1.74
N MET B 71 8.97 8.00 -2.76
CA MET B 71 10.26 8.69 -2.83
C MET B 71 10.01 10.21 -2.81
N ASP B 72 9.08 10.65 -3.63
CA ASP B 72 8.61 12.05 -3.76
C ASP B 72 8.14 12.56 -2.39
N SER B 73 7.25 11.85 -1.72
CA SER B 73 6.65 12.36 -0.46
C SER B 73 7.63 12.21 0.70
N TYR B 74 8.56 11.26 0.71
CA TYR B 74 9.50 11.22 1.86
C TYR B 74 10.83 11.90 1.48
N ASN B 75 10.91 12.62 0.36
CA ASN B 75 12.15 13.34 -0.04
C ASN B 75 13.36 12.39 -0.02
N VAL B 76 13.27 11.28 -0.74
CA VAL B 76 14.37 10.30 -0.80
C VAL B 76 15.44 10.87 -1.73
N THR B 77 16.66 10.99 -1.22
CA THR B 77 17.85 11.48 -1.97
C THR B 77 18.76 10.28 -2.29
N VAL B 78 18.63 9.13 -1.63
CA VAL B 78 19.62 8.04 -1.84
C VAL B 78 19.31 7.31 -3.14
N PRO B 79 20.31 6.63 -3.74
CA PRO B 79 20.09 5.80 -4.93
C PRO B 79 19.20 4.59 -4.62
N VAL B 80 18.16 4.46 -5.43
CA VAL B 80 17.11 3.42 -5.28
C VAL B 80 16.99 2.70 -6.62
N ALA B 81 17.15 1.39 -6.62
CA ALA B 81 16.91 0.59 -7.84
C ALA B 81 15.69 -0.27 -7.56
N ILE B 82 14.91 -0.55 -8.59
CA ILE B 82 13.83 -1.56 -8.51
C ILE B 82 14.15 -2.73 -9.44
N HIS B 83 14.29 -3.90 -8.87
CA HIS B 83 14.92 -5.10 -9.46
C HIS B 83 13.91 -6.23 -9.45
N LEU B 84 13.69 -6.86 -10.60
CA LEU B 84 12.92 -8.13 -10.68
C LEU B 84 13.77 -9.31 -10.17
N ASP B 85 13.35 -9.87 -9.05
CA ASP B 85 13.98 -11.04 -8.43
C ASP B 85 13.60 -12.32 -9.17
N HIS B 86 14.62 -13.16 -9.42
CA HIS B 86 14.50 -14.51 -10.03
C HIS B 86 13.46 -14.46 -11.13
N GLY B 87 13.64 -13.53 -12.07
CA GLY B 87 12.79 -13.39 -13.25
C GLY B 87 12.80 -14.69 -14.02
N PRO B 88 11.63 -15.34 -14.17
CA PRO B 88 11.55 -16.66 -14.77
C PRO B 88 11.63 -16.69 -16.31
N SER B 89 11.49 -15.57 -17.00
CA SER B 89 11.36 -15.62 -18.45
C SER B 89 11.72 -14.27 -19.03
N LEU B 90 12.04 -14.27 -20.32
CA LEU B 90 12.22 -13.01 -21.09
C LEU B 90 10.93 -12.17 -20.99
N GLU B 91 9.77 -12.79 -21.06
CA GLU B 91 8.46 -12.09 -21.04
C GLU B 91 8.32 -11.27 -19.75
N LYS B 92 8.63 -11.84 -18.60
CA LYS B 92 8.47 -11.14 -17.29
C LYS B 92 9.51 -10.06 -17.18
N CYS B 93 10.71 -10.28 -17.69
CA CYS B 93 11.73 -9.21 -17.69
C CYS B 93 11.20 -8.02 -18.52
N VAL B 94 10.63 -8.28 -19.68
CA VAL B 94 10.14 -7.20 -20.58
C VAL B 94 8.98 -6.47 -19.86
N GLN B 95 8.06 -7.21 -19.25
CA GLN B 95 6.89 -6.61 -18.59
C GLN B 95 7.39 -5.75 -17.41
N ALA B 96 8.39 -6.21 -16.64
CA ALA B 96 8.99 -5.41 -15.53
C ALA B 96 9.66 -4.15 -16.08
N ILE B 97 10.42 -4.27 -17.16
CA ILE B 97 11.14 -3.11 -17.75
C ILE B 97 10.13 -2.11 -18.29
N HIS B 98 9.13 -2.60 -18.99
CA HIS B 98 8.04 -1.77 -19.55
C HIS B 98 7.33 -0.98 -18.44
N ALA B 99 7.21 -1.55 -17.26
CA ALA B 99 6.58 -0.88 -16.12
C ALA B 99 7.50 0.15 -15.44
N GLY B 100 8.78 0.22 -15.75
CA GLY B 100 9.69 1.20 -15.12
C GLY B 100 10.71 0.60 -14.19
N PHE B 101 10.77 -0.73 -14.09
CA PHE B 101 11.85 -1.41 -13.33
C PHE B 101 13.18 -0.91 -13.87
N THR B 102 14.16 -0.72 -13.00
CA THR B 102 15.51 -0.25 -13.45
C THR B 102 16.49 -1.43 -13.55
N SER B 103 16.06 -2.62 -13.13
CA SER B 103 17.00 -3.78 -13.04
C SER B 103 16.19 -5.06 -13.14
N VAL B 104 16.73 -6.06 -13.85
CA VAL B 104 16.10 -7.41 -13.80
C VAL B 104 17.14 -8.48 -13.51
N MET B 105 16.69 -9.53 -12.83
CA MET B 105 17.46 -10.78 -12.77
C MET B 105 16.74 -11.73 -13.69
N ILE B 106 17.45 -12.25 -14.69
CA ILE B 106 16.93 -13.36 -15.55
C ILE B 106 17.56 -14.64 -15.02
N ASP B 107 16.72 -15.50 -14.49
CA ASP B 107 17.19 -16.73 -13.79
C ASP B 107 17.00 -17.92 -14.71
N GLY B 108 18.04 -18.21 -15.46
CA GLY B 108 18.10 -19.38 -16.36
C GLY B 108 18.86 -20.55 -15.75
N SER B 109 19.10 -20.60 -14.46
CA SER B 109 20.04 -21.56 -13.85
C SER B 109 19.49 -23.00 -13.89
N HIS B 110 18.21 -23.22 -14.19
CA HIS B 110 17.62 -24.58 -14.28
C HIS B 110 17.77 -25.07 -15.72
N LEU B 111 18.16 -24.22 -16.66
CA LEU B 111 18.37 -24.63 -18.07
C LEU B 111 19.84 -25.07 -18.21
N PRO B 112 20.22 -25.90 -19.25
CA PRO B 112 21.60 -26.21 -19.78
C PRO B 112 22.28 -24.85 -19.90
N LEU B 113 23.58 -24.78 -19.61
CA LEU B 113 24.41 -23.56 -19.74
C LEU B 113 24.08 -22.81 -21.02
N GLU B 114 24.09 -23.48 -22.17
CA GLU B 114 23.96 -22.82 -23.49
C GLU B 114 22.59 -22.13 -23.59
N GLU B 115 21.53 -22.70 -23.02
CA GLU B 115 20.19 -22.06 -23.07
C GLU B 115 20.13 -20.89 -22.10
N ASN B 116 20.65 -21.07 -20.89
CA ASN B 116 20.77 -19.96 -19.93
C ASN B 116 21.56 -18.82 -20.60
N ILE B 117 22.67 -19.12 -21.24
CA ILE B 117 23.48 -18.08 -21.93
C ILE B 117 22.60 -17.37 -22.98
N GLU B 118 21.88 -18.10 -23.82
CA GLU B 118 21.10 -17.50 -24.95
C GLU B 118 19.99 -16.61 -24.41
N LEU B 119 19.25 -17.11 -23.42
CA LEU B 119 18.15 -16.39 -22.72
C LEU B 119 18.70 -15.10 -22.10
N THR B 120 19.75 -15.23 -21.32
CA THR B 120 20.39 -14.11 -20.62
C THR B 120 20.82 -13.10 -21.66
N LYS B 121 21.49 -13.53 -22.73
CA LYS B 121 21.99 -12.59 -23.75
C LYS B 121 20.82 -11.80 -24.36
N ARG B 122 19.69 -12.45 -24.64
CA ARG B 122 18.52 -11.76 -25.20
C ARG B 122 17.97 -10.71 -24.22
N VAL B 123 17.90 -11.02 -22.91
CA VAL B 123 17.41 -10.06 -21.88
C VAL B 123 18.41 -8.91 -21.78
N VAL B 124 19.73 -9.17 -21.80
CA VAL B 124 20.73 -8.08 -21.78
C VAL B 124 20.54 -7.13 -22.97
N GLU B 125 20.27 -7.64 -24.15
CA GLU B 125 20.10 -6.86 -25.39
C GLU B 125 18.96 -5.86 -25.14
N ILE B 126 17.88 -6.35 -24.56
CA ILE B 126 16.67 -5.53 -24.30
C ILE B 126 17.01 -4.51 -23.20
N ALA B 127 17.37 -5.01 -22.02
CA ALA B 127 17.72 -4.21 -20.84
C ALA B 127 18.71 -3.13 -21.25
N HIS B 128 19.78 -3.47 -21.98
CA HIS B 128 20.81 -2.45 -22.26
C HIS B 128 20.34 -1.48 -23.33
N SER B 129 19.20 -1.67 -23.96
CA SER B 129 18.62 -0.66 -24.87
C SER B 129 18.15 0.55 -24.07
N VAL B 130 17.79 0.41 -22.79
CA VAL B 130 17.08 1.47 -22.03
C VAL B 130 17.71 1.62 -20.64
N GLY B 131 19.00 1.35 -20.49
CA GLY B 131 19.75 1.59 -19.24
C GLY B 131 19.26 0.79 -18.06
N VAL B 132 18.79 -0.41 -18.33
CA VAL B 132 18.42 -1.35 -17.26
C VAL B 132 19.59 -2.30 -16.99
N SER B 133 19.82 -2.63 -15.73
CA SER B 133 20.90 -3.53 -15.31
C SER B 133 20.35 -4.96 -15.26
N VAL B 134 21.24 -5.95 -15.46
CA VAL B 134 20.89 -7.40 -15.52
C VAL B 134 21.74 -8.29 -14.64
N GLU B 135 21.06 -9.16 -13.92
CA GLU B 135 21.69 -10.17 -13.05
C GLU B 135 21.36 -11.55 -13.67
N ALA B 136 22.31 -12.47 -13.65
CA ALA B 136 22.10 -13.86 -14.09
C ALA B 136 22.57 -14.81 -13.01
N GLU B 137 22.22 -16.10 -13.15
CA GLU B 137 22.62 -17.10 -12.15
C GLU B 137 23.21 -18.37 -12.77
N LEU B 138 24.18 -18.95 -12.08
CA LEU B 138 24.52 -20.39 -12.23
C LEU B 138 24.48 -21.06 -10.86
N GLY B 139 24.12 -22.33 -10.95
CA GLY B 139 23.91 -23.17 -9.78
C GLY B 139 22.59 -22.79 -9.14
N ARG B 140 22.26 -23.44 -8.03
CA ARG B 140 20.88 -23.35 -7.55
C ARG B 140 20.91 -23.18 -6.03
N ILE B 141 20.06 -22.25 -5.58
CA ILE B 141 19.85 -21.85 -4.17
C ILE B 141 18.94 -22.92 -3.57
N GLY B 142 19.22 -23.42 -2.37
CA GLY B 142 18.36 -24.46 -1.77
C GLY B 142 17.13 -23.88 -1.10
N GLY B 143 16.33 -24.73 -0.46
CA GLY B 143 15.22 -24.29 0.40
C GLY B 143 15.31 -24.97 1.75
N GLN B 144 14.80 -24.32 2.80
CA GLN B 144 14.74 -24.90 4.18
C GLN B 144 14.24 -26.35 4.10
N GLU B 145 13.47 -26.65 3.06
CA GLU B 145 13.02 -28.05 2.81
C GLU B 145 14.18 -29.08 2.70
N ASP B 146 15.07 -28.98 1.71
CA ASP B 146 16.08 -30.06 1.50
C ASP B 146 17.30 -30.06 2.45
N ASP B 147 17.37 -29.17 3.44
CA ASP B 147 18.53 -29.17 4.39
C ASP B 147 19.86 -28.99 3.65
N VAL B 148 20.79 -29.95 3.79
CA VAL B 148 22.15 -29.90 3.17
C VAL B 148 22.04 -29.58 1.67
N VAL B 149 22.95 -28.75 1.15
CA VAL B 149 22.90 -28.27 -0.27
C VAL B 149 23.73 -29.23 -1.14
N ALA B 150 23.17 -29.83 -2.17
CA ALA B 150 23.98 -30.80 -2.94
C ALA B 150 25.14 -30.08 -3.63
N GLU B 151 26.23 -30.82 -3.88
CA GLU B 151 27.43 -30.27 -4.55
C GLU B 151 27.09 -30.01 -6.01
N SER B 152 26.16 -30.75 -6.59
CA SER B 152 25.73 -30.60 -8.00
C SER B 152 25.09 -29.22 -8.20
N PHE B 153 24.66 -28.59 -7.12
CA PHE B 153 23.97 -27.28 -7.15
C PHE B 153 25.01 -26.14 -7.22
N TYR B 154 26.30 -26.35 -6.88
CA TYR B 154 27.22 -25.20 -6.79
C TYR B 154 27.65 -24.80 -8.18
N ALA B 155 27.75 -23.52 -8.44
CA ALA B 155 28.20 -22.98 -9.73
C ALA B 155 29.63 -23.46 -9.99
N ILE B 156 29.92 -23.75 -11.25
CA ILE B 156 31.24 -24.14 -11.78
C ILE B 156 31.91 -22.91 -12.33
N PRO B 157 33.08 -22.54 -11.79
CA PRO B 157 33.67 -21.25 -12.15
C PRO B 157 33.91 -21.05 -13.65
N SER B 158 34.36 -22.08 -14.41
CA SER B 158 34.64 -21.92 -15.88
C SER B 158 33.33 -21.63 -16.62
N GLU B 159 32.20 -22.16 -16.11
CA GLU B 159 30.87 -21.87 -16.66
C GLU B 159 30.48 -20.42 -16.34
N CYS B 160 30.78 -19.92 -15.13
CA CYS B 160 30.55 -18.49 -14.78
C CYS B 160 31.34 -17.58 -15.72
N GLU B 161 32.59 -17.94 -15.97
CA GLU B 161 33.45 -17.14 -16.86
C GLU B 161 32.80 -17.09 -18.24
N GLN B 162 32.30 -18.22 -18.71
CA GLN B 162 31.80 -18.24 -20.11
C GLN B 162 30.51 -17.42 -20.20
N LEU B 163 29.58 -17.66 -19.26
CA LEU B 163 28.25 -16.98 -19.25
C LEU B 163 28.41 -15.46 -19.14
N VAL B 164 29.23 -14.97 -18.20
CA VAL B 164 29.37 -13.50 -18.03
C VAL B 164 30.01 -12.92 -19.27
N ARG B 165 31.01 -13.60 -19.84
CA ARG B 165 31.71 -13.05 -21.02
C ARG B 165 30.77 -13.05 -22.23
N GLU B 166 30.01 -14.11 -22.41
CA GLU B 166 29.17 -14.24 -23.63
C GLU B 166 27.95 -13.33 -23.52
N THR B 167 27.48 -12.97 -22.33
CA THR B 167 26.15 -12.32 -22.19
C THR B 167 26.27 -10.81 -21.97
N GLY B 168 27.36 -10.33 -21.38
CA GLY B 168 27.46 -8.89 -21.01
C GLY B 168 26.58 -8.52 -19.81
N VAL B 169 26.14 -9.45 -18.95
CA VAL B 169 25.40 -9.13 -17.71
C VAL B 169 26.24 -8.16 -16.87
N ASP B 170 25.55 -7.40 -16.02
CA ASP B 170 26.18 -6.37 -15.17
C ASP B 170 26.61 -7.02 -13.87
N CYS B 171 25.90 -8.00 -13.38
CA CYS B 171 26.32 -8.63 -12.13
C CYS B 171 25.88 -10.09 -12.17
N PHE B 172 26.33 -10.88 -11.23
CA PHE B 172 26.24 -12.33 -11.37
C PHE B 172 26.07 -12.99 -10.02
N ALA B 173 25.14 -13.95 -9.97
CA ALA B 173 24.81 -14.71 -8.75
C ALA B 173 25.24 -16.16 -8.93
N PRO B 174 26.39 -16.57 -8.35
CA PRO B 174 26.77 -17.98 -8.26
C PRO B 174 26.15 -18.65 -7.03
N ALA B 175 25.36 -19.72 -7.21
CA ALA B 175 24.82 -20.51 -6.09
C ALA B 175 26.00 -21.26 -5.52
N LEU B 176 26.48 -20.92 -4.32
CA LEU B 176 27.68 -21.51 -3.67
C LEU B 176 27.28 -21.93 -2.25
N GLY B 177 26.09 -22.55 -2.11
CA GLY B 177 25.62 -23.10 -0.81
C GLY B 177 24.50 -22.31 -0.18
N SER B 178 24.18 -21.18 -0.75
CA SER B 178 23.08 -20.32 -0.24
C SER B 178 21.81 -21.13 -0.15
N VAL B 179 20.94 -20.75 0.79
CA VAL B 179 19.60 -21.35 0.85
C VAL B 179 18.61 -20.23 1.14
N HIS B 180 17.40 -20.37 0.63
CA HIS B 180 16.24 -19.50 0.99
C HIS B 180 15.73 -19.88 2.39
N GLY B 181 15.37 -18.91 3.25
CA GLY B 181 14.90 -19.20 4.62
C GLY B 181 16.02 -19.73 5.52
N PRO B 182 15.71 -20.46 6.63
CA PRO B 182 16.74 -20.85 7.59
C PRO B 182 17.70 -21.98 7.13
N TYR B 183 18.96 -21.83 7.53
CA TYR B 183 20.05 -22.82 7.36
C TYR B 183 19.77 -24.02 8.27
N LYS B 184 19.99 -25.26 7.80
CA LYS B 184 19.97 -26.45 8.69
C LYS B 184 20.85 -26.15 9.92
N GLY B 185 22.14 -25.83 9.72
CA GLY B 185 23.06 -25.35 10.77
C GLY B 185 23.80 -24.11 10.31
N GLU B 186 25.15 -24.15 10.34
CA GLU B 186 26.08 -23.17 9.70
C GLU B 186 25.98 -23.24 8.16
N PRO B 187 26.05 -22.12 7.41
CA PRO B 187 25.99 -22.21 5.94
C PRO B 187 27.33 -22.70 5.37
N LYS B 188 27.29 -23.62 4.40
CA LYS B 188 28.54 -24.12 3.74
C LYS B 188 28.76 -23.40 2.39
N LEU B 189 29.17 -22.13 2.49
CA LEU B 189 29.57 -21.26 1.34
C LEU B 189 30.89 -21.75 0.70
N GLY B 190 30.91 -21.83 -0.62
CA GLY B 190 32.12 -22.21 -1.38
C GLY B 190 32.98 -21.01 -1.75
N PHE B 191 33.72 -20.50 -0.78
CA PHE B 191 34.49 -19.25 -0.90
C PHE B 191 35.66 -19.37 -1.87
N ASP B 192 36.36 -20.50 -1.93
CA ASP B 192 37.46 -20.67 -2.92
C ASP B 192 36.86 -20.49 -4.32
N ARG B 193 35.76 -21.19 -4.60
CA ARG B 193 35.08 -21.08 -5.89
C ARG B 193 34.61 -19.62 -6.09
N MET B 194 34.13 -18.99 -5.04
CA MET B 194 33.62 -17.59 -5.14
C MET B 194 34.75 -16.66 -5.61
N GLU B 195 35.90 -16.77 -4.97
CA GLU B 195 37.09 -15.98 -5.32
C GLU B 195 37.46 -16.23 -6.79
N GLU B 196 37.40 -17.49 -7.20
CA GLU B 196 37.73 -17.84 -8.60
C GLU B 196 36.74 -17.15 -9.54
N ILE B 197 35.47 -17.27 -9.21
CA ILE B 197 34.36 -16.67 -9.99
C ILE B 197 34.60 -15.17 -10.04
N MET B 198 34.98 -14.52 -8.92
CA MET B 198 35.27 -13.05 -8.94
C MET B 198 36.42 -12.80 -9.92
N LYS B 199 37.54 -13.55 -9.84
CA LYS B 199 38.71 -13.25 -10.71
C LYS B 199 38.36 -13.52 -12.17
N LEU B 200 37.69 -14.63 -12.47
CA LEU B 200 37.47 -14.99 -13.90
C LEU B 200 36.42 -14.07 -14.52
N THR B 201 35.42 -13.57 -13.75
CA THR B 201 34.28 -12.80 -14.33
C THR B 201 34.54 -11.28 -14.35
N GLY B 202 35.14 -10.73 -13.30
CA GLY B 202 35.39 -9.27 -13.18
C GLY B 202 34.10 -8.43 -12.99
N VAL B 203 32.97 -9.01 -12.66
CA VAL B 203 31.73 -8.25 -12.37
C VAL B 203 31.39 -8.42 -10.91
N PRO B 204 30.57 -7.50 -10.38
CA PRO B 204 30.11 -7.66 -9.01
C PRO B 204 29.30 -8.93 -8.80
N LEU B 205 29.53 -9.58 -7.66
CA LEU B 205 28.83 -10.84 -7.39
C LEU B 205 27.64 -10.59 -6.45
N VAL B 206 26.66 -11.47 -6.57
CA VAL B 206 25.44 -11.43 -5.75
C VAL B 206 25.36 -12.67 -4.90
N LEU B 207 24.99 -12.49 -3.65
CA LEU B 207 24.77 -13.54 -2.64
C LEU B 207 23.26 -13.64 -2.37
N HIS B 208 22.61 -14.70 -2.83
CA HIS B 208 21.21 -14.97 -2.49
C HIS B 208 21.21 -15.65 -1.14
N GLY B 209 20.03 -15.74 -0.55
CA GLY B 209 19.77 -16.38 0.75
C GLY B 209 20.44 -15.69 1.93
N GLY B 210 20.54 -14.35 2.00
CA GLY B 210 21.38 -13.66 2.99
C GLY B 210 20.79 -13.75 4.39
N THR B 211 19.53 -14.19 4.51
CA THR B 211 18.86 -14.30 5.85
C THR B 211 19.57 -15.42 6.63
N GLY B 212 20.17 -14.99 7.73
CA GLY B 212 20.72 -15.84 8.79
C GLY B 212 22.06 -16.34 8.36
N ILE B 213 22.70 -15.58 7.44
CA ILE B 213 24.14 -15.77 7.11
C ILE B 213 24.96 -15.04 8.17
N PRO B 214 25.74 -15.77 8.99
CA PRO B 214 26.47 -15.14 10.07
C PRO B 214 27.36 -14.00 9.55
N THR B 215 27.80 -13.14 10.47
CA THR B 215 28.52 -11.88 10.13
C THR B 215 29.83 -12.25 9.42
N LYS B 216 30.57 -13.28 9.88
CA LYS B 216 31.95 -13.56 9.38
C LYS B 216 31.78 -13.95 7.93
N ASP B 217 30.86 -14.92 7.66
CA ASP B 217 30.40 -15.39 6.33
C ASP B 217 30.03 -14.23 5.42
N ILE B 218 29.22 -13.30 5.87
CA ILE B 218 28.87 -12.08 5.08
C ILE B 218 30.14 -11.30 4.76
N GLN B 219 30.99 -11.03 5.73
CA GLN B 219 32.17 -10.13 5.58
C GLN B 219 33.17 -10.74 4.59
N LYS B 220 33.29 -12.08 4.65
CA LYS B 220 34.13 -12.90 3.74
C LYS B 220 33.51 -12.85 2.35
N ALA B 221 32.18 -12.99 2.18
CA ALA B 221 31.57 -12.89 0.84
C ALA B 221 31.92 -11.51 0.24
N ILE B 222 31.84 -10.44 1.00
CA ILE B 222 32.14 -9.08 0.46
C ILE B 222 33.60 -9.03 0.04
N SER B 223 34.51 -9.57 0.84
CA SER B 223 35.98 -9.45 0.60
C SER B 223 36.37 -10.13 -0.73
N LEU B 224 35.58 -11.14 -1.14
CA LEU B 224 35.77 -11.93 -2.39
C LEU B 224 34.82 -11.47 -3.50
N GLY B 225 34.39 -10.20 -3.45
CA GLY B 225 33.67 -9.48 -4.53
C GLY B 225 32.14 -9.58 -4.50
N THR B 226 31.47 -10.00 -3.42
CA THR B 226 30.00 -9.83 -3.33
C THR B 226 29.72 -8.35 -3.04
N ALA B 227 29.01 -7.70 -3.95
CA ALA B 227 28.60 -6.29 -3.81
C ALA B 227 27.06 -6.22 -3.69
N LYS B 228 26.31 -7.31 -3.75
CA LYS B 228 24.86 -7.27 -3.58
C LYS B 228 24.43 -8.42 -2.71
N ILE B 229 23.61 -8.22 -1.73
CA ILE B 229 23.24 -9.35 -0.85
C ILE B 229 21.73 -9.25 -0.68
N ASN B 230 20.97 -10.32 -0.87
CA ASN B 230 19.49 -10.29 -0.85
C ASN B 230 19.06 -10.73 0.53
N VAL B 231 18.31 -9.91 1.25
CA VAL B 231 17.67 -10.26 2.55
C VAL B 231 16.14 -10.08 2.43
N ASN B 232 15.39 -11.15 2.61
CA ASN B 232 13.93 -11.14 2.44
C ASN B 232 13.33 -11.66 3.76
N THR B 233 13.46 -12.94 4.05
CA THR B 233 12.64 -13.51 5.13
C THR B 233 13.00 -12.83 6.44
N GLU B 234 14.18 -12.25 6.64
CA GLU B 234 14.47 -11.60 7.97
C GLU B 234 13.39 -10.54 8.30
N SER B 235 13.11 -9.69 7.32
CA SER B 235 12.17 -8.56 7.36
C SER B 235 10.74 -9.09 7.56
N GLN B 236 10.33 -10.14 6.83
CA GLN B 236 8.99 -10.75 7.00
C GLN B 236 8.82 -11.21 8.45
N ILE B 237 9.86 -11.86 8.98
CA ILE B 237 9.86 -12.43 10.35
C ILE B 237 9.74 -11.28 11.36
N ALA B 238 10.46 -10.16 11.16
CA ALA B 238 10.42 -8.99 12.07
C ALA B 238 9.06 -8.26 12.00
N ALA B 239 8.50 -8.01 10.81
CA ALA B 239 7.13 -7.44 10.70
C ALA B 239 6.15 -8.32 11.49
N THR B 240 6.17 -9.65 11.32
CA THR B 240 5.08 -10.51 11.84
C THR B 240 5.21 -10.59 13.36
N LYS B 241 6.43 -10.57 13.93
CA LYS B 241 6.57 -10.64 15.41
C LYS B 241 6.01 -9.37 16.04
N ALA B 242 6.24 -8.21 15.44
CA ALA B 242 5.71 -6.90 15.91
C ALA B 242 4.20 -6.98 15.90
N VAL B 243 3.64 -7.62 14.89
CA VAL B 243 2.15 -7.68 14.80
C VAL B 243 1.61 -8.60 15.91
N ARG B 244 2.14 -9.80 16.05
CA ARG B 244 1.79 -10.76 17.12
C ARG B 244 1.86 -10.05 18.48
N GLU B 245 2.99 -9.44 18.79
CA GLU B 245 3.18 -8.75 20.08
C GLU B 245 2.04 -7.75 20.32
N VAL B 246 1.86 -6.78 19.43
CA VAL B 246 0.94 -5.65 19.71
C VAL B 246 -0.48 -6.17 19.90
N LEU B 247 -0.90 -7.15 19.10
CA LEU B 247 -2.27 -7.73 19.23
C LEU B 247 -2.38 -8.54 20.54
N ASN B 248 -1.28 -9.17 20.94
CA ASN B 248 -1.23 -10.00 22.17
C ASN B 248 -1.31 -9.11 23.39
N ASN B 249 -0.77 -7.89 23.33
CA ASN B 249 -0.71 -6.95 24.48
C ASN B 249 -1.90 -5.99 24.53
N ASP B 250 -2.92 -6.17 23.67
CA ASP B 250 -4.09 -5.25 23.64
C ASP B 250 -5.26 -5.90 22.93
N ALA B 251 -6.22 -6.43 23.68
CA ALA B 251 -7.31 -7.26 23.14
C ALA B 251 -8.31 -6.37 22.39
N LYS B 252 -8.30 -5.05 22.62
CA LYS B 252 -9.39 -4.17 22.10
C LYS B 252 -8.90 -3.35 20.89
N LEU B 253 -7.61 -3.40 20.59
CA LEU B 253 -7.04 -2.82 19.33
C LEU B 253 -7.91 -3.29 18.14
N PHE B 254 -8.35 -2.35 17.33
CA PHE B 254 -9.18 -2.70 16.14
C PHE B 254 -8.70 -1.93 14.93
N ASP B 255 -7.95 -0.83 15.10
CA ASP B 255 -7.51 0.03 13.99
C ASP B 255 -6.27 -0.63 13.42
N PRO B 256 -6.33 -1.21 12.21
CA PRO B 256 -5.16 -1.85 11.63
C PRO B 256 -3.87 -1.02 11.72
N ARG B 257 -3.95 0.30 11.62
CA ARG B 257 -2.70 1.10 11.67
C ARG B 257 -1.95 0.86 12.98
N LYS B 258 -2.62 0.46 14.04
CA LYS B 258 -1.97 0.31 15.35
C LYS B 258 -1.15 -0.95 15.33
N PHE B 259 -1.44 -1.90 14.43
CA PHE B 259 -0.54 -3.08 14.31
C PHE B 259 0.40 -2.86 13.12
N LEU B 260 -0.01 -2.18 12.04
CA LEU B 260 0.88 -1.85 10.91
C LEU B 260 2.05 -0.98 11.36
N ALA B 261 1.82 -0.04 12.25
CA ALA B 261 2.85 0.98 12.58
C ALA B 261 4.06 0.27 13.19
N PRO B 262 3.92 -0.62 14.20
CA PRO B 262 5.13 -1.22 14.74
C PRO B 262 5.78 -2.25 13.81
N ALA B 263 5.02 -2.96 12.96
CA ALA B 263 5.52 -3.75 11.82
C ALA B 263 6.51 -2.89 11.00
N ARG B 264 6.07 -1.74 10.55
CA ARG B 264 6.93 -0.82 9.75
C ARG B 264 8.23 -0.53 10.51
N GLU B 265 8.11 -0.27 11.79
CA GLU B 265 9.28 0.08 12.63
C GLU B 265 10.23 -1.11 12.75
N ALA B 266 9.70 -2.33 12.91
CA ALA B 266 10.51 -3.56 13.07
C ALA B 266 11.22 -3.78 11.75
N ILE B 267 10.50 -3.66 10.64
CA ILE B 267 11.17 -3.81 9.31
C ILE B 267 12.33 -2.79 9.20
N LYS B 268 12.04 -1.53 9.31
CA LYS B 268 13.05 -0.48 9.16
C LYS B 268 14.27 -0.80 10.02
N GLU B 269 14.12 -1.13 11.29
CA GLU B 269 15.31 -1.39 12.14
C GLU B 269 16.03 -2.62 11.58
N THR B 270 15.33 -3.68 11.12
CA THR B 270 15.99 -4.88 10.56
C THR B 270 16.91 -4.46 9.39
N ILE B 271 16.32 -3.70 8.47
CA ILE B 271 17.02 -3.24 7.24
C ILE B 271 18.16 -2.26 7.56
N LYS B 272 17.99 -1.39 8.51
CA LYS B 272 19.10 -0.50 8.89
C LYS B 272 20.31 -1.32 9.36
N GLY B 273 20.09 -2.37 10.16
CA GLY B 273 21.17 -3.23 10.72
C GLY B 273 21.95 -3.90 9.58
N LYS B 274 21.22 -4.49 8.64
CA LYS B 274 21.80 -5.05 7.39
C LYS B 274 22.62 -3.97 6.66
N MET B 275 22.13 -2.76 6.51
CA MET B 275 22.87 -1.68 5.80
C MET B 275 24.16 -1.32 6.56
N ARG B 276 24.16 -1.33 7.89
CA ARG B 276 25.44 -1.14 8.64
C ARG B 276 26.39 -2.34 8.43
N GLU B 277 25.86 -3.58 8.57
CA GLU B 277 26.60 -4.86 8.42
C GLU B 277 27.19 -4.93 7.01
N PHE B 278 26.46 -4.66 5.93
CA PHE B 278 27.04 -4.76 4.59
C PHE B 278 27.97 -3.57 4.30
N GLY B 279 27.90 -2.49 5.06
CA GLY B 279 28.73 -1.28 4.84
C GLY B 279 28.16 -0.24 3.86
N SER B 280 26.88 -0.28 3.48
CA SER B 280 26.32 0.68 2.51
C SER B 280 25.86 1.96 3.22
N SER B 281 25.64 1.91 4.55
CA SER B 281 25.33 3.11 5.38
C SER B 281 26.40 4.16 5.11
N GLY B 282 25.98 5.37 4.88
CA GLY B 282 26.95 6.44 4.63
C GLY B 282 27.41 6.49 3.20
N LYS B 283 27.01 5.58 2.30
CA LYS B 283 27.67 5.57 0.96
C LYS B 283 26.87 6.37 -0.04
N ALA B 284 25.56 6.51 0.19
CA ALA B 284 24.65 7.15 -0.80
C ALA B 284 25.32 8.34 -1.54
C1 MLT C . -26.70 -4.09 12.61
O1 MLT C . -27.28 -3.69 13.70
O2 MLT C . -25.49 -3.78 12.27
C2 MLT C . -27.50 -4.94 11.60
O3 MLT C . -27.19 -4.49 10.30
C3 MLT C . -29.03 -4.92 11.78
C4 MLT C . -29.49 -5.48 13.12
O4 MLT C . -29.84 -4.71 14.02
O5 MLT C . -29.46 -6.67 13.27
P PO4 D . -18.22 4.78 12.16
O1 PO4 D . -17.91 6.20 11.86
O2 PO4 D . -19.65 4.58 12.52
O3 PO4 D . -17.36 4.35 13.30
O4 PO4 D . -17.98 3.93 10.94
P PO4 E . -9.64 7.04 9.58
O1 PO4 E . -10.75 7.76 8.93
O2 PO4 E . -10.10 6.17 10.70
O3 PO4 E . -8.59 7.97 10.07
O4 PO4 E . -9.07 6.15 8.54
P PO4 F . -37.09 14.16 15.55
O1 PO4 F . -38.07 15.24 15.96
O2 PO4 F . -36.39 13.68 16.81
O3 PO4 F . -36.10 14.77 14.58
O4 PO4 F . -37.86 13.02 14.89
N1 IMD G . 20.34 -26.75 -12.18
C2 IMD G . 20.29 -26.98 -10.82
N3 IMD G . 19.23 -27.73 -10.57
C4 IMD G . 18.52 -27.93 -11.74
C5 IMD G . 19.22 -27.33 -12.74
P PO4 H . 16.26 -15.25 2.29
O1 PO4 H . 15.72 -14.01 2.88
O2 PO4 H . 16.00 -15.26 0.81
O3 PO4 H . 17.71 -15.23 2.60
O4 PO4 H . 15.64 -16.46 2.88
P PO4 I . 35.18 -24.07 -1.95
O1 PO4 I . 35.73 -23.09 -0.90
O2 PO4 I . 34.67 -23.31 -3.15
O3 PO4 I . 34.07 -24.89 -1.39
O4 PO4 I . 36.27 -25.02 -2.40
P PO4 J . 8.67 -12.43 -1.84
O1 PO4 J . 8.01 -11.17 -1.66
O2 PO4 J . 8.82 -13.16 -0.57
O3 PO4 J . 10.00 -12.18 -2.44
O4 PO4 J . 7.84 -13.21 -2.76
#